data_6WFK
#
_entry.id   6WFK
#
_cell.length_a   48.350
_cell.length_b   102.380
_cell.length_c   67.550
_cell.angle_alpha   90.000
_cell.angle_beta   106.920
_cell.angle_gamma   90.000
#
_symmetry.space_group_name_H-M   'P 1 21 1'
#
loop_
_entity.id
_entity.type
_entity.pdbx_description
1 polymer 'N-alpha-acetyltransferase 50'
2 non-polymer 'COENZYME A'
3 non-polymer (4S)-1-methyl-N-{(3S,5S)-5-[4-(methylcarbamoyl)-1,3-thiazol-2-yl]-1-[4-(1H-tetrazol-5-yl)benzene-1-carbonyl]pyrrolidin-3-yl}-2,6-dioxohexahydropyrimidine-4-carboxamide
4 water water
#
_entity_poly.entity_id   1
_entity_poly.type   'polypeptide(L)'
_entity_poly.pdbx_seq_one_letter_code
;GSMKGSRIELGDVTPHNIKQLKRLNQVIFPVSYNDKFYKDVLEVGELAKLAYFNDIAVGAVCCRVDHSQNQKRLYIMTLG
CLAPYRRLGIGTKMLNHVLNICEKDGTFDNIYLHVQISNESAIDFYRKFGFEIIETKKNYYKRIEPADAHVLQKNLKVPS
GQNADVQKTDN
;
_entity_poly.pdbx_strand_id   A,B,C
#
loop_
_chem_comp.id
_chem_comp.type
_chem_comp.name
_chem_comp.formula
COA non-polymer 'COENZYME A' 'C21 H36 N7 O16 P3 S'
U2J non-polymer (4S)-1-methyl-N-{(3S,5S)-5-[4-(methylcarbamoyl)-1,3-thiazol-2-yl]-1-[4-(1H-tetrazol-5-yl)benzene-1-carbonyl]pyrrolidin-3-yl}-2,6-dioxohexahydropyrimidine-4-carboxamide 'C23 H24 N10 O5 S'
#
# COMPACT_ATOMS: atom_id res chain seq x y z
N LYS A 4 -4.38 13.03 16.92
CA LYS A 4 -4.53 11.59 17.07
C LYS A 4 -6.02 11.23 17.12
N GLY A 5 -6.44 10.42 16.14
CA GLY A 5 -7.82 9.98 15.95
C GLY A 5 -8.70 11.01 15.25
N SER A 6 -8.10 12.13 14.78
CA SER A 6 -8.83 13.23 14.10
C SER A 6 -9.64 12.75 12.91
N ARG A 7 -10.88 13.27 12.82
CA ARG A 7 -11.80 12.98 11.73
C ARG A 7 -11.56 13.95 10.55
N ILE A 8 -10.70 14.95 10.75
CA ILE A 8 -10.38 15.99 9.78
C ILE A 8 -9.03 15.73 9.14
N GLU A 9 -8.99 15.78 7.80
CA GLU A 9 -7.77 15.62 7.03
C GLU A 9 -7.76 16.65 5.94
N LEU A 10 -6.60 17.22 5.68
CA LEU A 10 -6.44 18.17 4.58
C LEU A 10 -5.83 17.41 3.41
N GLY A 11 -6.26 17.71 2.19
CA GLY A 11 -5.69 17.06 1.01
C GLY A 11 -5.29 18.07 -0.03
N ASP A 12 -4.46 17.65 -1.00
CA ASP A 12 -4.04 18.57 -2.09
C ASP A 12 -5.18 18.83 -3.07
N VAL A 13 -5.16 20.04 -3.67
CA VAL A 13 -6.10 20.44 -4.71
C VAL A 13 -5.39 20.08 -6.03
N THR A 14 -6.10 19.39 -6.93
CA THR A 14 -5.51 18.92 -8.20
C THR A 14 -6.55 19.10 -9.31
N PRO A 15 -6.20 18.90 -10.61
CA PRO A 15 -7.22 18.99 -11.67
C PRO A 15 -8.41 18.04 -11.46
N HIS A 16 -8.16 16.89 -10.79
CA HIS A 16 -9.17 15.88 -10.51
C HIS A 16 -10.26 16.31 -9.49
N ASN A 17 -9.94 17.22 -8.56
CA ASN A 17 -10.88 17.65 -7.53
C ASN A 17 -11.17 19.18 -7.49
N ILE A 18 -10.53 19.98 -8.38
CA ILE A 18 -10.73 21.43 -8.45
C ILE A 18 -12.23 21.79 -8.60
N LYS A 19 -13.02 20.94 -9.26
CA LYS A 19 -14.47 21.11 -9.44
C LYS A 19 -15.18 21.03 -8.11
N GLN A 20 -14.66 20.19 -7.20
CA GLN A 20 -15.19 20.07 -5.84
C GLN A 20 -14.84 21.37 -5.03
N LEU A 21 -13.64 21.92 -5.22
CA LEU A 21 -13.23 23.15 -4.54
C LEU A 21 -14.13 24.33 -4.99
N LYS A 22 -14.31 24.45 -6.33
CA LYS A 22 -15.14 25.46 -6.98
C LYS A 22 -16.57 25.38 -6.44
N ARG A 23 -17.10 24.14 -6.31
CA ARG A 23 -18.45 23.90 -5.77
C ARG A 23 -18.54 24.34 -4.30
N LEU A 24 -17.51 24.00 -3.48
CA LEU A 24 -17.49 24.37 -2.07
C LEU A 24 -17.49 25.90 -1.90
N ASN A 25 -16.61 26.60 -2.64
CA ASN A 25 -16.55 28.06 -2.63
C ASN A 25 -17.86 28.69 -3.06
N GLN A 26 -18.52 28.11 -4.11
CA GLN A 26 -19.83 28.59 -4.61
C GLN A 26 -20.91 28.65 -3.53
N VAL A 27 -21.02 27.58 -2.74
CA VAL A 27 -21.98 27.42 -1.65
C VAL A 27 -21.59 28.26 -0.40
N ILE A 28 -20.30 28.29 -0.05
CA ILE A 28 -19.84 28.94 1.18
C ILE A 28 -19.74 30.46 1.07
N PHE A 29 -19.25 30.98 -0.06
CA PHE A 29 -18.97 32.40 -0.20
C PHE A 29 -20.01 33.20 -0.96
N PRO A 30 -20.24 34.48 -0.54
CA PRO A 30 -21.26 35.31 -1.21
C PRO A 30 -20.81 35.92 -2.54
N VAL A 31 -19.51 35.84 -2.84
CA VAL A 31 -18.91 36.36 -4.07
C VAL A 31 -18.40 35.18 -4.93
N SER A 32 -18.31 35.40 -6.25
CA SER A 32 -17.83 34.41 -7.23
C SER A 32 -16.34 34.58 -7.46
N TYR A 33 -15.65 33.47 -7.75
CA TYR A 33 -14.21 33.50 -8.05
C TYR A 33 -14.04 33.05 -9.49
N ASN A 34 -13.31 33.83 -10.28
CA ASN A 34 -13.16 33.60 -11.72
C ASN A 34 -12.24 32.42 -12.05
N ASP A 35 -12.23 32.01 -13.34
CA ASP A 35 -11.41 30.91 -13.85
C ASP A 35 -9.92 31.11 -13.55
N LYS A 36 -9.42 32.37 -13.50
CA LYS A 36 -8.02 32.65 -13.18
C LYS A 36 -7.67 32.25 -11.73
N PHE A 37 -8.58 32.52 -10.76
CA PHE A 37 -8.42 32.18 -9.35
C PHE A 37 -8.15 30.67 -9.22
N TYR A 38 -8.97 29.85 -9.90
CA TYR A 38 -8.87 28.38 -9.88
C TYR A 38 -7.64 27.84 -10.60
N LYS A 39 -7.17 28.57 -11.61
CA LYS A 39 -5.98 28.21 -12.34
C LYS A 39 -4.79 28.46 -11.42
N ASP A 40 -4.78 29.64 -10.75
CA ASP A 40 -3.73 30.05 -9.81
C ASP A 40 -3.64 29.07 -8.63
N VAL A 41 -4.80 28.64 -8.11
CA VAL A 41 -4.95 27.68 -7.02
C VAL A 41 -4.20 26.37 -7.33
N LEU A 42 -4.28 25.90 -8.60
CA LEU A 42 -3.60 24.67 -9.03
C LEU A 42 -2.10 24.78 -9.03
N GLU A 43 -1.58 26.03 -8.98
CA GLU A 43 -0.15 26.30 -9.03
C GLU A 43 0.49 26.76 -7.71
N VAL A 44 -0.30 26.97 -6.62
CA VAL A 44 0.27 27.46 -5.35
C VAL A 44 0.78 26.35 -4.41
N GLY A 45 0.65 25.10 -4.80
CA GLY A 45 1.07 23.97 -3.96
C GLY A 45 0.33 23.94 -2.64
N GLU A 46 1.08 23.80 -1.54
CA GLU A 46 0.56 23.68 -0.16
C GLU A 46 -0.30 24.88 0.30
N LEU A 47 -0.25 26.05 -0.42
CA LEU A 47 -1.07 27.23 -0.08
C LEU A 47 -2.55 27.06 -0.43
N ALA A 48 -2.94 25.92 -1.02
CA ALA A 48 -4.35 25.61 -1.30
C ALA A 48 -4.63 24.18 -0.87
N LYS A 49 -5.68 23.97 -0.05
CA LYS A 49 -6.04 22.62 0.40
C LYS A 49 -7.53 22.49 0.49
N LEU A 50 -7.99 21.25 0.41
CA LEU A 50 -9.36 20.84 0.62
C LEU A 50 -9.39 20.20 2.02
N ALA A 51 -10.46 20.42 2.75
CA ALA A 51 -10.62 19.85 4.07
C ALA A 51 -11.67 18.76 3.99
N TYR A 52 -11.36 17.60 4.56
CA TYR A 52 -12.25 16.46 4.57
C TYR A 52 -12.63 16.13 6.00
N PHE A 53 -13.90 15.79 6.20
CA PHE A 53 -14.47 15.37 7.47
C PHE A 53 -14.98 13.98 7.17
N ASN A 54 -14.41 12.95 7.83
CA ASN A 54 -14.76 11.54 7.56
C ASN A 54 -14.71 11.22 6.06
N ASP A 55 -13.65 11.73 5.38
CA ASP A 55 -13.35 11.58 3.94
C ASP A 55 -14.38 12.27 3.01
N ILE A 56 -15.18 13.21 3.56
CA ILE A 56 -16.14 14.01 2.78
C ILE A 56 -15.57 15.42 2.65
N ALA A 57 -15.43 15.94 1.42
CA ALA A 57 -14.89 17.28 1.18
C ALA A 57 -15.92 18.33 1.68
N VAL A 58 -15.54 19.10 2.74
CA VAL A 58 -16.46 20.04 3.42
C VAL A 58 -15.96 21.47 3.51
N GLY A 59 -14.72 21.69 3.11
CA GLY A 59 -14.17 23.03 3.14
C GLY A 59 -12.87 23.14 2.39
N ALA A 60 -12.33 24.36 2.31
CA ALA A 60 -11.10 24.59 1.58
C ALA A 60 -10.45 25.86 1.98
N VAL A 61 -9.17 25.95 1.70
CA VAL A 61 -8.43 27.17 1.96
C VAL A 61 -7.56 27.46 0.74
N CYS A 62 -7.60 28.70 0.23
CA CYS A 62 -6.80 29.17 -0.92
C CYS A 62 -6.09 30.43 -0.53
N CYS A 63 -4.76 30.39 -0.64
CA CYS A 63 -3.85 31.49 -0.32
C CYS A 63 -2.94 31.82 -1.49
N ARG A 64 -2.25 32.96 -1.40
CA ARG A 64 -1.25 33.40 -2.38
C ARG A 64 -0.17 34.16 -1.63
N VAL A 65 1.02 34.18 -2.21
CA VAL A 65 2.14 34.97 -1.69
C VAL A 65 1.87 36.36 -2.27
N ASP A 66 2.01 37.36 -1.41
CA ASP A 66 1.79 38.75 -1.77
C ASP A 66 3.02 39.59 -1.46
N HIS A 67 3.48 40.39 -2.43
CA HIS A 67 4.61 41.31 -2.24
C HIS A 67 4.09 42.73 -2.41
N SER A 68 3.69 43.33 -1.29
CA SER A 68 3.16 44.69 -1.20
C SER A 68 3.66 45.28 0.11
N GLN A 69 3.62 46.64 0.26
CA GLN A 69 4.10 47.38 1.46
C GLN A 69 5.57 47.04 1.76
N ASN A 70 6.36 46.69 0.71
CA ASN A 70 7.77 46.26 0.78
C ASN A 70 7.98 45.07 1.74
N GLN A 71 6.99 44.17 1.76
CA GLN A 71 6.94 42.98 2.62
C GLN A 71 6.66 41.72 1.83
N LYS A 72 6.95 40.56 2.45
CA LYS A 72 6.57 39.25 1.91
C LYS A 72 5.40 38.84 2.83
N ARG A 73 4.21 38.81 2.26
CA ARG A 73 3.00 38.54 3.05
C ARG A 73 2.22 37.35 2.54
N LEU A 74 1.61 36.60 3.45
CA LEU A 74 0.75 35.52 3.02
C LEU A 74 -0.68 36.08 2.99
N TYR A 75 -1.32 36.01 1.83
CA TYR A 75 -2.67 36.47 1.69
C TYR A 75 -3.68 35.31 1.60
N ILE A 76 -4.54 35.18 2.64
CA ILE A 76 -5.58 34.14 2.63
C ILE A 76 -6.70 34.72 1.84
N MET A 77 -7.02 34.11 0.69
CA MET A 77 -8.10 34.59 -0.17
C MET A 77 -9.43 34.03 0.27
N THR A 78 -9.47 32.73 0.54
CA THR A 78 -10.69 32.05 1.00
C THR A 78 -10.31 30.99 2.01
N LEU A 79 -11.13 30.85 3.05
CA LEU A 79 -10.97 29.83 4.06
C LEU A 79 -12.39 29.62 4.56
N GLY A 80 -12.91 28.43 4.32
CA GLY A 80 -14.28 28.18 4.73
C GLY A 80 -14.63 26.74 4.83
N CYS A 81 -15.76 26.50 5.46
CA CYS A 81 -16.29 25.21 5.82
C CYS A 81 -17.82 25.29 5.61
N LEU A 82 -18.43 24.24 5.04
CA LEU A 82 -19.89 24.14 4.90
C LEU A 82 -20.51 24.32 6.27
N ALA A 83 -21.63 25.08 6.31
CA ALA A 83 -22.39 25.40 7.53
C ALA A 83 -22.66 24.19 8.45
N PRO A 84 -23.17 23.00 7.98
CA PRO A 84 -23.41 21.91 8.95
C PRO A 84 -22.17 21.31 9.62
N TYR A 85 -20.95 21.63 9.13
CA TYR A 85 -19.72 21.08 9.69
C TYR A 85 -18.90 22.11 10.48
N ARG A 86 -19.46 23.30 10.71
CA ARG A 86 -18.77 24.35 11.45
C ARG A 86 -18.64 23.98 12.94
N ARG A 87 -17.69 24.62 13.63
CA ARG A 87 -17.41 24.39 15.04
C ARG A 87 -17.00 22.96 15.35
N LEU A 88 -16.27 22.31 14.41
CA LEU A 88 -15.75 20.97 14.61
C LEU A 88 -14.22 21.03 14.55
N GLY A 89 -13.65 22.21 14.36
CA GLY A 89 -12.20 22.39 14.27
C GLY A 89 -11.67 22.34 12.85
N ILE A 90 -12.55 22.34 11.87
CA ILE A 90 -12.15 22.31 10.44
C ILE A 90 -11.42 23.60 10.05
N GLY A 91 -11.99 24.77 10.39
CA GLY A 91 -11.34 26.05 10.14
C GLY A 91 -9.97 26.12 10.77
N THR A 92 -9.86 25.70 12.09
CA THR A 92 -8.58 25.67 12.85
C THR A 92 -7.51 24.80 12.17
N LYS A 93 -7.91 23.63 11.70
CA LYS A 93 -7.01 22.75 10.97
C LYS A 93 -6.49 23.44 9.70
N MET A 94 -7.37 24.14 8.97
CA MET A 94 -6.90 24.88 7.78
C MET A 94 -6.01 26.07 8.10
N LEU A 95 -6.35 26.85 9.13
CA LEU A 95 -5.56 28.02 9.50
C LEU A 95 -4.20 27.59 10.05
N ASN A 96 -4.16 26.55 10.91
CA ASN A 96 -2.93 26.00 11.47
C ASN A 96 -2.00 25.49 10.39
N HIS A 97 -2.54 24.90 9.31
CA HIS A 97 -1.75 24.43 8.16
C HIS A 97 -0.97 25.60 7.52
N VAL A 98 -1.66 26.72 7.30
CA VAL A 98 -1.03 27.89 6.68
C VAL A 98 -0.08 28.58 7.67
N LEU A 99 -0.44 28.65 8.98
CA LEU A 99 0.48 29.21 9.99
C LEU A 99 1.78 28.35 10.10
N ASN A 100 1.65 27.01 9.97
CA ASN A 100 2.77 26.05 9.94
C ASN A 100 3.70 26.28 8.76
N ILE A 101 3.15 26.45 7.53
CA ILE A 101 3.94 26.76 6.33
C ILE A 101 4.78 28.03 6.59
N CYS A 102 4.11 29.12 7.05
CA CYS A 102 4.75 30.40 7.35
C CYS A 102 5.88 30.27 8.34
N GLU A 103 5.69 29.48 9.42
CA GLU A 103 6.71 29.22 10.43
C GLU A 103 7.90 28.42 9.86
N LYS A 104 7.64 27.37 9.06
CA LYS A 104 8.66 26.54 8.41
C LYS A 104 9.44 27.28 7.32
N ASP A 105 8.83 28.31 6.70
CA ASP A 105 9.47 29.13 5.65
C ASP A 105 10.35 30.23 6.30
N GLY A 106 9.80 30.93 7.30
CA GLY A 106 10.45 31.98 8.06
C GLY A 106 10.70 33.31 7.39
N THR A 107 10.36 33.47 6.08
CA THR A 107 10.58 34.73 5.34
C THR A 107 9.32 35.62 5.23
N PHE A 108 8.16 35.18 5.80
CA PHE A 108 6.94 36.00 5.78
C PHE A 108 6.95 37.04 6.92
N ASP A 109 6.66 38.30 6.60
CA ASP A 109 6.55 39.39 7.58
C ASP A 109 5.21 39.27 8.36
N ASN A 110 4.12 38.99 7.63
CA ASN A 110 2.79 38.85 8.18
C ASN A 110 1.87 37.95 7.32
N ILE A 111 0.68 37.70 7.86
CA ILE A 111 -0.39 36.95 7.21
C ILE A 111 -1.64 37.84 7.32
N TYR A 112 -2.41 37.94 6.22
CA TYR A 112 -3.57 38.82 6.21
C TYR A 112 -4.68 38.32 5.30
N LEU A 113 -5.86 38.91 5.47
CA LEU A 113 -7.08 38.58 4.71
C LEU A 113 -8.12 39.68 4.87
N HIS A 114 -9.17 39.63 4.03
CA HIS A 114 -10.30 40.53 4.11
C HIS A 114 -11.47 39.77 4.69
N VAL A 115 -12.22 40.41 5.60
CA VAL A 115 -13.40 39.79 6.20
C VAL A 115 -14.52 40.82 6.12
N GLN A 116 -15.60 40.50 5.39
CA GLN A 116 -16.80 41.34 5.28
C GLN A 116 -17.22 41.72 6.72
N ILE A 117 -17.44 43.01 6.98
CA ILE A 117 -17.74 43.50 8.35
C ILE A 117 -18.92 42.79 9.04
N SER A 118 -19.89 42.24 8.29
CA SER A 118 -21.04 41.52 8.89
C SER A 118 -20.71 40.09 9.39
N ASN A 119 -19.50 39.61 9.07
CA ASN A 119 -19.06 38.27 9.44
C ASN A 119 -18.42 38.24 10.82
N GLU A 120 -19.25 38.42 11.83
CA GLU A 120 -18.88 38.44 13.23
C GLU A 120 -18.17 37.13 13.68
N SER A 121 -18.68 35.96 13.25
CA SER A 121 -18.11 34.66 13.56
C SER A 121 -16.68 34.50 12.96
N ALA A 122 -16.45 35.00 11.72
CA ALA A 122 -15.10 34.94 11.11
C ALA A 122 -14.13 35.86 11.85
N ILE A 123 -14.58 37.06 12.29
CA ILE A 123 -13.75 38.02 13.06
C ILE A 123 -13.33 37.38 14.39
N ASP A 124 -14.28 36.75 15.09
CA ASP A 124 -14.04 36.01 16.33
C ASP A 124 -12.98 34.93 16.15
N PHE A 125 -13.17 34.10 15.10
CA PHE A 125 -12.30 33.00 14.72
C PHE A 125 -10.85 33.48 14.53
N TYR A 126 -10.64 34.47 13.67
CA TYR A 126 -9.29 34.96 13.40
C TYR A 126 -8.63 35.67 14.59
N ARG A 127 -9.42 36.43 15.37
CA ARG A 127 -8.90 37.12 16.56
C ARG A 127 -8.40 36.12 17.61
N LYS A 128 -9.00 34.95 17.66
CA LYS A 128 -8.56 33.87 18.55
C LYS A 128 -7.12 33.39 18.17
N PHE A 129 -6.72 33.54 16.89
CA PHE A 129 -5.41 33.14 16.41
C PHE A 129 -4.38 34.27 16.45
N GLY A 130 -4.77 35.41 17.01
CA GLY A 130 -3.85 36.54 17.14
C GLY A 130 -3.88 37.52 15.98
N PHE A 131 -4.86 37.37 15.08
CA PHE A 131 -5.08 38.34 14.00
C PHE A 131 -5.77 39.56 14.61
N GLU A 132 -5.40 40.76 14.12
CA GLU A 132 -5.99 42.01 14.58
C GLU A 132 -6.66 42.68 13.43
N ILE A 133 -7.69 43.53 13.71
CA ILE A 133 -8.31 44.37 12.71
C ILE A 133 -7.35 45.53 12.57
N ILE A 134 -6.72 45.66 11.42
CA ILE A 134 -5.73 46.72 11.19
C ILE A 134 -6.31 47.87 10.37
N GLU A 135 -7.48 47.67 9.77
CA GLU A 135 -8.11 48.63 8.88
C GLU A 135 -9.50 48.12 8.52
N THR A 136 -10.37 49.02 8.08
CA THR A 136 -11.69 48.71 7.56
C THR A 136 -11.73 49.39 6.20
N LYS A 137 -11.80 48.59 5.11
CA LYS A 137 -11.82 49.08 3.75
C LYS A 137 -13.23 49.32 3.34
N LYS A 138 -13.58 50.60 3.06
CA LYS A 138 -14.91 50.94 2.60
C LYS A 138 -15.05 50.56 1.13
N ASN A 139 -16.21 49.98 0.77
CA ASN A 139 -16.55 49.56 -0.58
C ASN A 139 -15.55 48.57 -1.21
N TYR A 140 -15.02 47.63 -0.37
CA TYR A 140 -14.12 46.58 -0.83
C TYR A 140 -14.88 45.68 -1.82
N TYR A 141 -16.14 45.34 -1.51
CA TYR A 141 -17.03 44.54 -2.34
C TYR A 141 -17.87 45.46 -3.21
N LYS A 142 -18.24 44.99 -4.41
CA LYS A 142 -18.99 45.81 -5.35
C LYS A 142 -20.45 45.44 -5.47
N ARG A 143 -20.76 44.13 -5.53
CA ARG A 143 -22.13 43.66 -5.73
C ARG A 143 -22.81 43.08 -4.48
N ILE A 144 -22.14 43.08 -3.32
CA ILE A 144 -22.78 42.54 -2.11
C ILE A 144 -22.80 43.58 -0.98
N GLU A 145 -23.72 43.39 -0.01
CA GLU A 145 -23.89 44.29 1.13
C GLU A 145 -23.77 43.56 2.48
N PRO A 146 -23.05 44.11 3.49
CA PRO A 146 -22.26 45.36 3.44
C PRO A 146 -21.05 45.22 2.52
N ALA A 147 -20.71 46.32 1.86
CA ALA A 147 -19.63 46.43 0.89
C ALA A 147 -18.26 46.54 1.58
N ASP A 148 -18.29 46.80 2.89
CA ASP A 148 -17.09 46.99 3.69
C ASP A 148 -16.43 45.71 4.19
N ALA A 149 -15.10 45.73 4.22
CA ALA A 149 -14.33 44.60 4.74
C ALA A 149 -13.23 45.04 5.69
N HIS A 150 -13.11 44.37 6.83
CA HIS A 150 -11.99 44.57 7.73
C HIS A 150 -10.79 43.87 7.11
N VAL A 151 -9.59 44.38 7.39
CA VAL A 151 -8.35 43.75 6.98
C VAL A 151 -7.86 43.19 8.32
N LEU A 152 -7.68 41.86 8.37
CA LEU A 152 -7.18 41.17 9.56
C LEU A 152 -5.76 40.74 9.27
N GLN A 153 -4.85 41.04 10.21
CA GLN A 153 -3.45 40.72 10.07
C GLN A 153 -2.84 40.16 11.32
N LYS A 154 -2.02 39.13 11.14
CA LYS A 154 -1.21 38.53 12.18
C LYS A 154 0.27 38.75 11.76
N ASN A 155 1.05 39.38 12.64
CA ASN A 155 2.47 39.60 12.41
C ASN A 155 3.26 38.36 12.73
N LEU A 156 4.33 38.10 11.95
CA LEU A 156 5.18 36.92 12.12
C LEU A 156 6.65 37.21 12.42
N GLY B 5 -13.38 -2.86 24.28
CA GLY B 5 -12.22 -2.04 24.59
C GLY B 5 -11.09 -2.16 23.58
N SER B 6 -11.31 -1.59 22.38
CA SER B 6 -10.32 -1.56 21.28
C SER B 6 -10.51 -0.31 20.41
N ARG B 7 -9.58 0.63 20.53
CA ARG B 7 -9.61 1.85 19.74
C ARG B 7 -8.35 1.91 18.92
N ILE B 8 -8.51 1.68 17.61
CA ILE B 8 -7.43 1.76 16.64
C ILE B 8 -7.56 3.14 15.97
N GLU B 9 -6.51 4.00 16.12
CA GLU B 9 -6.49 5.36 15.60
C GLU B 9 -5.16 5.68 14.98
N LEU B 10 -5.17 6.63 14.04
CA LEU B 10 -3.98 7.17 13.42
C LEU B 10 -3.76 8.57 13.97
N GLY B 11 -2.51 9.00 14.01
CA GLY B 11 -2.15 10.34 14.44
C GLY B 11 -0.94 10.84 13.67
N ASP B 12 -0.72 12.14 13.71
CA ASP B 12 0.36 12.82 13.04
C ASP B 12 1.75 12.58 13.60
N VAL B 13 2.73 12.68 12.72
CA VAL B 13 4.13 12.59 13.07
C VAL B 13 4.61 14.06 13.21
N THR B 14 5.00 14.42 14.43
CA THR B 14 5.42 15.77 14.79
C THR B 14 6.86 15.72 15.34
N PRO B 15 7.56 16.88 15.49
CA PRO B 15 8.91 16.84 16.09
C PRO B 15 8.87 16.34 17.54
N HIS B 16 7.70 16.39 18.18
CA HIS B 16 7.53 15.91 19.54
C HIS B 16 7.49 14.37 19.67
N ASN B 17 6.97 13.63 18.65
CA ASN B 17 6.88 12.15 18.71
C ASN B 17 7.73 11.40 17.68
N ILE B 18 8.58 12.12 16.92
CA ILE B 18 9.44 11.54 15.90
C ILE B 18 10.39 10.44 16.51
N LYS B 19 10.84 10.62 17.78
CA LYS B 19 11.69 9.67 18.50
C LYS B 19 10.93 8.38 18.78
N GLN B 20 9.61 8.51 19.05
CA GLN B 20 8.67 7.43 19.26
C GLN B 20 8.52 6.63 17.92
N LEU B 21 8.48 7.33 16.75
CA LEU B 21 8.40 6.72 15.42
C LEU B 21 9.67 5.91 15.13
N LYS B 22 10.86 6.48 15.45
CA LYS B 22 12.17 5.83 15.28
C LYS B 22 12.28 4.59 16.16
N ARG B 23 11.80 4.67 17.42
CA ARG B 23 11.81 3.53 18.33
C ARG B 23 11.03 2.36 17.67
N LEU B 24 9.80 2.64 17.16
CA LEU B 24 8.93 1.66 16.49
C LEU B 24 9.59 1.07 15.24
N ASN B 25 10.18 1.93 14.40
CA ASN B 25 10.87 1.47 13.21
C ASN B 25 12.06 0.56 13.52
N GLN B 26 12.81 0.86 14.60
CA GLN B 26 13.97 0.07 15.04
C GLN B 26 13.57 -1.34 15.52
N VAL B 27 12.41 -1.45 16.18
CA VAL B 27 11.90 -2.74 16.66
C VAL B 27 11.33 -3.57 15.49
N ILE B 28 10.51 -2.93 14.62
CA ILE B 28 9.77 -3.60 13.54
C ILE B 28 10.64 -4.04 12.35
N PHE B 29 11.50 -3.15 11.87
CA PHE B 29 12.23 -3.37 10.63
C PHE B 29 13.67 -3.88 10.83
N PRO B 30 14.15 -4.74 9.88
CA PRO B 30 15.51 -5.29 10.00
C PRO B 30 16.62 -4.35 9.51
N VAL B 31 16.25 -3.16 9.01
CA VAL B 31 17.20 -2.15 8.52
C VAL B 31 17.04 -0.86 9.31
N SER B 32 18.12 -0.09 9.45
CA SER B 32 18.09 1.20 10.14
C SER B 32 17.79 2.31 9.13
N TYR B 33 17.08 3.34 9.58
CA TYR B 33 16.75 4.49 8.74
C TYR B 33 17.58 5.66 9.23
N ASN B 34 18.20 6.39 8.29
CA ASN B 34 19.10 7.48 8.62
C ASN B 34 18.34 8.75 9.04
N ASP B 35 19.10 9.81 9.38
CA ASP B 35 18.60 11.11 9.84
C ASP B 35 17.79 11.83 8.77
N LYS B 36 18.18 11.70 7.48
CA LYS B 36 17.42 12.31 6.38
C LYS B 36 15.98 11.71 6.27
N PHE B 37 15.82 10.42 6.59
CA PHE B 37 14.53 9.73 6.59
C PHE B 37 13.56 10.41 7.55
N TYR B 38 13.95 10.51 8.83
CA TYR B 38 13.16 11.13 9.89
C TYR B 38 12.94 12.63 9.69
N LYS B 39 13.84 13.31 8.96
CA LYS B 39 13.67 14.72 8.60
C LYS B 39 12.59 14.79 7.53
N ASP B 40 12.71 13.94 6.47
CA ASP B 40 11.77 13.88 5.34
C ASP B 40 10.35 13.53 5.79
N VAL B 41 10.25 12.58 6.74
CA VAL B 41 8.99 12.11 7.33
C VAL B 41 8.19 13.27 7.96
N LEU B 42 8.90 14.27 8.51
CA LEU B 42 8.24 15.45 9.10
C LEU B 42 7.73 16.48 8.05
N GLU B 43 8.06 16.29 6.75
CA GLU B 43 7.69 17.20 5.67
C GLU B 43 6.74 16.56 4.64
N VAL B 44 6.24 15.32 4.90
CA VAL B 44 5.36 14.64 3.94
C VAL B 44 3.87 14.72 4.31
N GLY B 45 3.54 15.46 5.37
CA GLY B 45 2.18 15.62 5.88
C GLY B 45 1.48 14.31 6.25
N GLU B 46 0.29 14.10 5.68
CA GLU B 46 -0.57 12.92 5.88
C GLU B 46 0.00 11.62 5.32
N LEU B 47 1.15 11.67 4.63
CA LEU B 47 1.84 10.50 4.09
C LEU B 47 2.68 9.77 5.17
N ALA B 48 2.73 10.31 6.38
CA ALA B 48 3.40 9.72 7.52
C ALA B 48 2.44 9.78 8.68
N LYS B 49 2.17 8.61 9.28
CA LYS B 49 1.24 8.54 10.41
C LYS B 49 1.72 7.54 11.45
N LEU B 50 1.34 7.76 12.70
CA LEU B 50 1.56 6.82 13.78
C LEU B 50 0.23 6.13 13.99
N ALA B 51 0.27 4.83 14.29
CA ALA B 51 -0.93 4.05 14.58
C ALA B 51 -0.96 3.77 16.09
N TYR B 52 -2.15 3.86 16.67
CA TYR B 52 -2.42 3.69 18.08
C TYR B 52 -3.41 2.61 18.34
N PHE B 53 -3.17 1.87 19.42
CA PHE B 53 -4.07 0.85 19.93
C PHE B 53 -4.31 1.29 21.38
N ASN B 54 -5.56 1.64 21.76
CA ASN B 54 -5.89 2.15 23.11
C ASN B 54 -4.87 3.18 23.65
N ASP B 55 -4.57 4.19 22.81
CA ASP B 55 -3.66 5.33 23.03
C ASP B 55 -2.18 4.92 23.13
N ILE B 56 -1.85 3.67 22.76
CA ILE B 56 -0.45 3.22 22.73
C ILE B 56 0.03 3.24 21.27
N ALA B 57 1.16 3.90 20.99
CA ALA B 57 1.77 3.93 19.66
C ALA B 57 2.35 2.52 19.39
N VAL B 58 1.80 1.82 18.40
CA VAL B 58 2.18 0.43 18.09
C VAL B 58 2.61 0.22 16.63
N GLY B 59 2.52 1.25 15.83
CA GLY B 59 2.87 1.16 14.42
C GLY B 59 2.99 2.50 13.76
N ALA B 60 3.39 2.48 12.49
CA ALA B 60 3.59 3.68 11.69
C ALA B 60 3.71 3.34 10.21
N VAL B 61 3.30 4.28 9.39
CA VAL B 61 3.38 4.24 7.93
C VAL B 61 4.14 5.56 7.50
N CYS B 62 5.19 5.42 6.68
CA CYS B 62 5.96 6.55 6.13
C CYS B 62 6.02 6.38 4.63
N CYS B 63 5.45 7.34 3.89
CA CYS B 63 5.39 7.36 2.42
C CYS B 63 6.06 8.65 1.93
N ARG B 64 6.27 8.72 0.60
CA ARG B 64 6.77 9.89 -0.11
C ARG B 64 6.24 9.81 -1.55
N VAL B 65 6.08 10.97 -2.18
CA VAL B 65 5.64 11.04 -3.57
C VAL B 65 6.90 10.80 -4.42
N ASP B 66 6.82 9.86 -5.35
CA ASP B 66 7.92 9.50 -6.23
C ASP B 66 7.59 9.89 -7.68
N HIS B 67 8.47 10.68 -8.30
CA HIS B 67 8.31 11.04 -9.72
C HIS B 67 9.40 10.24 -10.45
N SER B 68 8.99 9.12 -11.07
CA SER B 68 9.92 8.22 -11.77
C SER B 68 9.16 7.52 -12.92
N GLN B 69 9.90 7.07 -13.95
CA GLN B 69 9.37 6.40 -15.14
C GLN B 69 8.31 7.24 -15.83
N ASN B 70 8.44 8.59 -15.80
CA ASN B 70 7.47 9.56 -16.35
C ASN B 70 6.08 9.44 -15.69
N GLN B 71 6.06 9.07 -14.40
CA GLN B 71 4.81 8.88 -13.64
C GLN B 71 4.80 9.62 -12.30
N LYS B 72 3.60 9.82 -11.73
CA LYS B 72 3.47 10.34 -10.38
C LYS B 72 3.07 9.10 -9.55
N ARG B 73 3.96 8.69 -8.64
CA ARG B 73 3.72 7.48 -7.88
C ARG B 73 3.75 7.69 -6.38
N LEU B 74 2.96 6.89 -5.65
CA LEU B 74 3.06 6.91 -4.20
C LEU B 74 3.97 5.75 -3.79
N TYR B 75 5.07 6.07 -3.11
CA TYR B 75 6.03 5.11 -2.63
C TYR B 75 5.92 4.95 -1.12
N ILE B 76 5.56 3.73 -0.65
CA ILE B 76 5.49 3.45 0.79
C ILE B 76 6.87 2.98 1.17
N MET B 77 7.55 3.74 2.03
CA MET B 77 8.90 3.40 2.49
C MET B 77 8.82 2.38 3.62
N THR B 78 7.97 2.65 4.63
CA THR B 78 7.76 1.75 5.75
C THR B 78 6.28 1.75 6.09
N LEU B 79 5.80 0.60 6.53
CA LEU B 79 4.42 0.36 6.97
C LEU B 79 4.55 -0.86 7.89
N GLY B 80 4.33 -0.66 9.16
CA GLY B 80 4.52 -1.75 10.09
C GLY B 80 3.82 -1.55 11.40
N CYS B 81 3.66 -2.64 12.08
CA CYS B 81 2.97 -2.77 13.33
C CYS B 81 3.82 -3.71 14.23
N LEU B 82 3.95 -3.39 15.52
CA LEU B 82 4.64 -4.26 16.48
C LEU B 82 3.95 -5.64 16.45
N ALA B 83 4.76 -6.74 16.45
CA ALA B 83 4.34 -8.15 16.45
C ALA B 83 3.16 -8.45 17.40
N PRO B 84 3.16 -7.99 18.69
CA PRO B 84 1.98 -8.22 19.56
C PRO B 84 0.63 -7.60 19.14
N TYR B 85 0.62 -6.64 18.20
CA TYR B 85 -0.61 -5.96 17.79
C TYR B 85 -1.03 -6.27 16.35
N ARG B 86 -0.34 -7.20 15.73
CA ARG B 86 -0.58 -7.66 14.36
C ARG B 86 -1.85 -8.47 14.25
N ARG B 87 -2.46 -8.53 13.03
CA ARG B 87 -3.72 -9.22 12.76
C ARG B 87 -4.91 -8.62 13.53
N LEU B 88 -4.87 -7.30 13.80
CA LEU B 88 -5.95 -6.55 14.47
C LEU B 88 -6.54 -5.47 13.54
N GLY B 89 -6.11 -5.45 12.28
CA GLY B 89 -6.58 -4.46 11.31
C GLY B 89 -5.78 -3.16 11.27
N ILE B 90 -4.68 -3.08 12.02
CA ILE B 90 -3.83 -1.89 12.12
C ILE B 90 -3.13 -1.59 10.80
N GLY B 91 -2.50 -2.58 10.17
CA GLY B 91 -1.87 -2.44 8.85
C GLY B 91 -2.90 -2.01 7.83
N THR B 92 -4.13 -2.56 7.90
CA THR B 92 -5.25 -2.19 7.02
C THR B 92 -5.60 -0.71 7.15
N LYS B 93 -5.73 -0.23 8.39
CA LYS B 93 -6.09 1.14 8.70
C LYS B 93 -5.03 2.08 8.10
N MET B 94 -3.75 1.73 8.26
CA MET B 94 -2.68 2.54 7.70
C MET B 94 -2.68 2.57 6.18
N LEU B 95 -2.87 1.40 5.55
CA LEU B 95 -2.87 1.27 4.09
C LEU B 95 -4.10 1.91 3.47
N ASN B 96 -5.31 1.71 4.05
CA ASN B 96 -6.50 2.41 3.58
C ASN B 96 -6.34 3.90 3.65
N HIS B 97 -5.75 4.42 4.75
CA HIS B 97 -5.48 5.84 4.89
C HIS B 97 -4.69 6.39 3.67
N VAL B 98 -3.60 5.72 3.29
CA VAL B 98 -2.74 6.16 2.16
C VAL B 98 -3.48 6.02 0.79
N LEU B 99 -4.26 4.92 0.61
CA LEU B 99 -5.04 4.70 -0.60
C LEU B 99 -6.14 5.76 -0.74
N ASN B 100 -6.74 6.15 0.41
CA ASN B 100 -7.78 7.19 0.49
C ASN B 100 -7.17 8.54 0.07
N ILE B 101 -5.92 8.84 0.50
CA ILE B 101 -5.23 10.05 0.06
C ILE B 101 -5.10 10.07 -1.45
N CYS B 102 -4.63 8.95 -2.05
CA CYS B 102 -4.46 8.82 -3.50
C CYS B 102 -5.76 9.01 -4.27
N GLU B 103 -6.86 8.34 -3.84
CA GLU B 103 -8.19 8.41 -4.43
C GLU B 103 -8.74 9.85 -4.49
N LYS B 104 -8.68 10.60 -3.35
CA LYS B 104 -9.12 11.98 -3.24
C LYS B 104 -8.30 12.90 -4.15
N ASP B 105 -7.01 12.61 -4.31
CA ASP B 105 -6.09 13.39 -5.13
C ASP B 105 -6.33 13.12 -6.63
N GLY B 106 -6.37 11.84 -7.01
CA GLY B 106 -6.66 11.36 -8.35
C GLY B 106 -5.59 11.53 -9.41
N THR B 107 -4.36 11.94 -9.04
CA THR B 107 -3.28 12.13 -10.02
C THR B 107 -2.12 11.13 -9.85
N PHE B 108 -2.29 10.13 -8.98
CA PHE B 108 -1.27 9.08 -8.83
C PHE B 108 -1.50 8.01 -9.87
N ASP B 109 -0.41 7.59 -10.53
CA ASP B 109 -0.44 6.53 -11.53
C ASP B 109 -0.49 5.20 -10.80
N ASN B 110 0.34 5.07 -9.74
CA ASN B 110 0.37 3.84 -8.97
C ASN B 110 0.93 4.05 -7.57
N ILE B 111 0.84 3.03 -6.75
CA ILE B 111 1.39 2.96 -5.41
C ILE B 111 2.34 1.74 -5.40
N TYR B 112 3.57 1.90 -4.91
CA TYR B 112 4.50 0.79 -4.86
C TYR B 112 5.36 0.81 -3.62
N LEU B 113 6.01 -0.32 -3.37
CA LEU B 113 6.91 -0.54 -2.25
C LEU B 113 7.84 -1.72 -2.54
N HIS B 114 8.82 -1.88 -1.66
CA HIS B 114 9.76 -2.98 -1.69
C HIS B 114 9.48 -3.86 -0.50
N VAL B 115 9.50 -5.17 -0.76
CA VAL B 115 9.29 -6.17 0.27
C VAL B 115 10.41 -7.20 0.13
N GLN B 116 11.21 -7.37 1.20
CA GLN B 116 12.23 -8.43 1.33
C GLN B 116 11.55 -9.76 1.02
N ILE B 117 12.12 -10.54 0.06
CA ILE B 117 11.52 -11.78 -0.46
C ILE B 117 11.18 -12.82 0.62
N SER B 118 11.79 -12.74 1.80
CA SER B 118 11.51 -13.66 2.91
C SER B 118 10.25 -13.24 3.72
N ASN B 119 9.72 -12.04 3.44
CA ASN B 119 8.59 -11.54 4.20
C ASN B 119 7.26 -11.99 3.62
N GLU B 120 6.90 -13.23 3.94
CA GLU B 120 5.70 -13.93 3.50
C GLU B 120 4.44 -13.16 3.90
N SER B 121 4.37 -12.74 5.18
CA SER B 121 3.24 -12.04 5.77
C SER B 121 2.94 -10.70 5.07
N ALA B 122 3.99 -9.91 4.72
CA ALA B 122 3.85 -8.64 3.99
C ALA B 122 3.40 -8.94 2.55
N ILE B 123 3.97 -10.01 1.91
CA ILE B 123 3.52 -10.43 0.57
C ILE B 123 2.00 -10.72 0.61
N ASP B 124 1.54 -11.57 1.54
CA ASP B 124 0.14 -11.96 1.70
C ASP B 124 -0.76 -10.72 1.94
N PHE B 125 -0.33 -9.82 2.84
CA PHE B 125 -0.99 -8.56 3.18
C PHE B 125 -1.23 -7.69 1.94
N TYR B 126 -0.18 -7.42 1.16
CA TYR B 126 -0.27 -6.54 0.00
C TYR B 126 -1.02 -7.17 -1.16
N ARG B 127 -0.88 -8.49 -1.37
CA ARG B 127 -1.61 -9.20 -2.44
C ARG B 127 -3.14 -9.15 -2.17
N LYS B 128 -3.53 -9.17 -0.89
CA LYS B 128 -4.94 -9.06 -0.49
C LYS B 128 -5.49 -7.68 -0.85
N PHE B 129 -4.63 -6.63 -0.95
CA PHE B 129 -5.11 -5.31 -1.35
C PHE B 129 -5.02 -5.09 -2.87
N GLY B 130 -4.67 -6.13 -3.62
CA GLY B 130 -4.56 -6.00 -5.08
C GLY B 130 -3.20 -5.51 -5.54
N PHE B 131 -2.18 -5.54 -4.66
CA PHE B 131 -0.82 -5.20 -5.11
C PHE B 131 -0.29 -6.48 -5.78
N GLU B 132 0.57 -6.31 -6.77
CA GLU B 132 1.14 -7.45 -7.50
C GLU B 132 2.63 -7.29 -7.51
N ILE B 133 3.35 -8.42 -7.46
CA ILE B 133 4.81 -8.42 -7.58
C ILE B 133 5.04 -8.25 -9.08
N ILE B 134 5.61 -7.11 -9.44
CA ILE B 134 5.87 -6.76 -10.84
C ILE B 134 7.35 -6.91 -11.19
N GLU B 135 8.23 -7.11 -10.18
CA GLU B 135 9.69 -7.22 -10.35
C GLU B 135 10.33 -7.66 -9.03
N THR B 136 11.50 -8.30 -9.10
CA THR B 136 12.28 -8.64 -7.92
C THR B 136 13.66 -8.00 -8.10
N LYS B 137 14.07 -7.12 -7.17
CA LYS B 137 15.37 -6.43 -7.20
C LYS B 137 16.43 -7.20 -6.44
N LYS B 138 17.36 -7.78 -7.20
CA LYS B 138 18.50 -8.53 -6.67
C LYS B 138 19.43 -7.55 -5.96
N ASN B 139 19.88 -7.92 -4.74
CA ASN B 139 20.79 -7.16 -3.89
C ASN B 139 20.28 -5.76 -3.54
N TYR B 140 18.96 -5.63 -3.31
CA TYR B 140 18.36 -4.36 -2.93
C TYR B 140 18.89 -3.96 -1.52
N TYR B 141 19.05 -4.94 -0.62
CA TYR B 141 19.59 -4.73 0.72
C TYR B 141 21.09 -5.05 0.69
N LYS B 142 21.87 -4.54 1.66
CA LYS B 142 23.33 -4.74 1.68
C LYS B 142 23.83 -5.50 2.91
N ARG B 143 23.34 -5.14 4.11
CA ARG B 143 23.74 -5.72 5.39
C ARG B 143 22.80 -6.83 5.92
N ILE B 144 21.73 -7.17 5.18
CA ILE B 144 20.77 -8.18 5.62
C ILE B 144 20.53 -9.25 4.56
N GLU B 145 20.12 -10.44 5.00
CA GLU B 145 19.83 -11.56 4.12
C GLU B 145 18.44 -12.16 4.34
N PRO B 146 17.70 -12.52 3.25
CA PRO B 146 18.05 -12.32 1.83
C PRO B 146 18.07 -10.84 1.48
N ALA B 147 18.94 -10.48 0.52
CA ALA B 147 19.16 -9.10 0.08
C ALA B 147 18.19 -8.70 -1.02
N ASP B 148 17.42 -9.68 -1.55
CA ASP B 148 16.48 -9.41 -2.64
C ASP B 148 15.13 -8.87 -2.14
N ALA B 149 14.55 -7.93 -2.88
CA ALA B 149 13.26 -7.37 -2.52
C ALA B 149 12.35 -7.36 -3.72
N HIS B 150 11.13 -7.86 -3.54
CA HIS B 150 10.09 -7.79 -4.56
C HIS B 150 9.61 -6.35 -4.65
N VAL B 151 9.16 -5.97 -5.83
CA VAL B 151 8.55 -4.67 -6.03
C VAL B 151 7.06 -4.96 -6.17
N LEU B 152 6.27 -4.45 -5.22
CA LEU B 152 4.81 -4.62 -5.22
C LEU B 152 4.17 -3.34 -5.68
N GLN B 153 3.25 -3.46 -6.63
CA GLN B 153 2.60 -2.30 -7.17
C GLN B 153 1.12 -2.49 -7.34
N LYS B 154 0.36 -1.45 -7.00
CA LYS B 154 -1.09 -1.41 -7.24
C LYS B 154 -1.36 -0.24 -8.20
N ASN B 155 -1.89 -0.56 -9.39
CA ASN B 155 -2.28 0.45 -10.37
C ASN B 155 -3.48 1.29 -9.88
N LEU B 156 -3.40 2.62 -10.02
CA LEU B 156 -4.47 3.54 -9.55
C LEU B 156 -5.26 4.28 -10.66
N SER C 6 6.33 -9.66 -14.13
CA SER C 6 6.94 -10.80 -13.46
C SER C 6 7.03 -12.05 -14.36
N ARG C 7 8.07 -12.88 -14.14
CA ARG C 7 8.24 -14.06 -14.98
C ARG C 7 8.26 -15.38 -14.19
N ILE C 8 7.58 -16.36 -14.76
CA ILE C 8 7.51 -17.72 -14.25
C ILE C 8 8.23 -18.62 -15.24
N GLU C 9 9.32 -19.23 -14.78
CA GLU C 9 10.04 -20.12 -15.66
C GLU C 9 10.46 -21.40 -14.98
N LEU C 10 10.52 -22.47 -15.75
CA LEU C 10 10.98 -23.75 -15.25
C LEU C 10 12.46 -23.95 -15.62
N GLY C 11 13.16 -24.63 -14.74
CA GLY C 11 14.57 -24.94 -14.90
C GLY C 11 14.85 -26.34 -14.44
N ASP C 12 15.90 -26.96 -15.02
CA ASP C 12 16.32 -28.31 -14.72
C ASP C 12 16.81 -28.48 -13.29
N VAL C 13 16.64 -29.68 -12.77
CA VAL C 13 17.15 -30.08 -11.47
C VAL C 13 18.55 -30.70 -11.71
N THR C 14 19.59 -30.02 -11.22
CA THR C 14 20.99 -30.41 -11.36
C THR C 14 21.58 -30.67 -9.96
N PRO C 15 22.80 -31.28 -9.77
CA PRO C 15 23.32 -31.48 -8.39
C PRO C 15 23.67 -30.15 -7.71
N HIS C 16 23.67 -29.06 -8.51
CA HIS C 16 23.93 -27.69 -8.09
C HIS C 16 22.74 -27.16 -7.24
N ASN C 17 21.49 -27.50 -7.64
CA ASN C 17 20.26 -27.02 -7.01
C ASN C 17 19.39 -28.12 -6.34
N ILE C 18 19.91 -29.35 -6.19
CA ILE C 18 19.16 -30.45 -5.55
C ILE C 18 18.89 -30.15 -4.06
N LYS C 19 19.79 -29.39 -3.38
CA LYS C 19 19.62 -29.04 -1.97
C LYS C 19 18.52 -27.97 -1.82
N GLN C 20 18.40 -27.10 -2.84
CA GLN C 20 17.43 -26.02 -2.99
C GLN C 20 16.03 -26.68 -3.18
N LEU C 21 15.95 -27.73 -4.01
CA LEU C 21 14.73 -28.51 -4.26
C LEU C 21 14.24 -29.21 -2.98
N LYS C 22 15.18 -29.84 -2.22
CA LYS C 22 14.92 -30.55 -0.96
C LYS C 22 14.39 -29.55 0.08
N ARG C 23 14.97 -28.34 0.14
CA ARG C 23 14.53 -27.29 1.07
C ARG C 23 13.08 -26.86 0.78
N LEU C 24 12.71 -26.68 -0.52
CA LEU C 24 11.36 -26.32 -0.95
C LEU C 24 10.35 -27.41 -0.56
N ASN C 25 10.66 -28.70 -0.85
CA ASN C 25 9.84 -29.85 -0.46
C ASN C 25 9.64 -29.93 1.04
N GLN C 26 10.67 -29.61 1.84
CA GLN C 26 10.52 -29.61 3.30
C GLN C 26 9.59 -28.50 3.81
N VAL C 27 9.56 -27.37 3.10
CA VAL C 27 8.69 -26.26 3.52
C VAL C 27 7.23 -26.53 3.10
N ILE C 28 7.03 -27.01 1.86
CA ILE C 28 5.74 -27.16 1.21
C ILE C 28 4.97 -28.40 1.61
N PHE C 29 5.68 -29.52 1.83
CA PHE C 29 4.98 -30.78 2.09
C PHE C 29 5.01 -31.25 3.54
N PRO C 30 3.89 -31.85 4.01
CA PRO C 30 3.84 -32.35 5.41
C PRO C 30 4.63 -33.63 5.66
N VAL C 31 5.03 -34.36 4.60
CA VAL C 31 5.82 -35.58 4.72
C VAL C 31 7.24 -35.34 4.18
N SER C 32 8.19 -36.14 4.66
CA SER C 32 9.60 -36.06 4.26
C SER C 32 9.91 -37.06 3.17
N TYR C 33 10.88 -36.73 2.32
CA TYR C 33 11.31 -37.56 1.21
C TYR C 33 12.75 -38.00 1.38
N ASN C 34 12.97 -39.32 1.33
CA ASN C 34 14.28 -39.95 1.56
C ASN C 34 15.32 -39.60 0.48
N ASP C 35 16.60 -39.89 0.80
CA ASP C 35 17.75 -39.69 -0.08
C ASP C 35 17.54 -40.38 -1.44
N LYS C 36 16.85 -41.55 -1.44
CA LYS C 36 16.54 -42.32 -2.65
C LYS C 36 15.68 -41.52 -3.64
N PHE C 37 14.68 -40.76 -3.12
CA PHE C 37 13.78 -39.92 -3.91
C PHE C 37 14.59 -38.87 -4.69
N TYR C 38 15.44 -38.10 -3.97
CA TYR C 38 16.28 -37.05 -4.54
C TYR C 38 17.32 -37.56 -5.52
N LYS C 39 17.80 -38.80 -5.28
CA LYS C 39 18.75 -39.51 -6.14
C LYS C 39 18.09 -39.75 -7.50
N ASP C 40 16.88 -40.37 -7.51
CA ASP C 40 16.11 -40.65 -8.73
C ASP C 40 15.69 -39.39 -9.50
N VAL C 41 15.42 -38.27 -8.77
CA VAL C 41 15.04 -36.96 -9.31
C VAL C 41 16.11 -36.44 -10.31
N LEU C 42 17.39 -36.61 -9.95
CA LEU C 42 18.52 -36.18 -10.79
C LEU C 42 18.70 -37.04 -12.07
N GLU C 43 18.01 -38.19 -12.17
CA GLU C 43 18.11 -39.09 -13.32
C GLU C 43 16.82 -39.20 -14.17
N VAL C 44 15.69 -38.57 -13.73
CA VAL C 44 14.42 -38.58 -14.47
C VAL C 44 14.39 -37.54 -15.61
N GLY C 45 15.35 -36.64 -15.63
CA GLY C 45 15.44 -35.60 -16.65
C GLY C 45 14.32 -34.57 -16.57
N GLU C 46 13.54 -34.46 -17.67
CA GLU C 46 12.43 -33.53 -17.84
C GLU C 46 11.25 -33.76 -16.88
N LEU C 47 11.20 -34.92 -16.20
CA LEU C 47 10.11 -35.26 -15.27
C LEU C 47 10.23 -34.60 -13.88
N ALA C 48 11.33 -33.85 -13.67
CA ALA C 48 11.58 -33.07 -12.48
C ALA C 48 12.07 -31.69 -12.93
N LYS C 49 11.42 -30.63 -12.41
CA LYS C 49 11.73 -29.25 -12.75
C LYS C 49 11.59 -28.37 -11.53
N LEU C 50 12.33 -27.27 -11.53
CA LEU C 50 12.23 -26.26 -10.47
C LEU C 50 11.44 -25.14 -11.07
N ALA C 51 10.59 -24.49 -10.28
CA ALA C 51 9.79 -23.38 -10.74
C ALA C 51 10.38 -22.12 -10.14
N TYR C 52 10.67 -21.18 -11.01
CA TYR C 52 11.27 -19.88 -10.69
C TYR C 52 10.29 -18.76 -10.91
N PHE C 53 10.25 -17.83 -9.94
CA PHE C 53 9.44 -16.60 -10.01
C PHE C 53 10.45 -15.49 -9.95
N ASN C 54 10.67 -14.77 -11.07
CA ASN C 54 11.72 -13.72 -11.15
C ASN C 54 13.07 -14.26 -10.69
N ASP C 55 13.44 -15.47 -11.17
CA ASP C 55 14.70 -16.21 -10.86
C ASP C 55 14.78 -16.73 -9.42
N ILE C 56 13.69 -16.69 -8.63
CA ILE C 56 13.73 -17.23 -7.27
C ILE C 56 13.05 -18.58 -7.34
N ALA C 57 13.72 -19.63 -6.84
CA ALA C 57 13.17 -20.98 -6.81
C ALA C 57 12.03 -20.98 -5.77
N VAL C 58 10.79 -21.08 -6.25
CA VAL C 58 9.61 -21.04 -5.36
C VAL C 58 8.78 -22.33 -5.37
N GLY C 59 9.10 -23.25 -6.26
CA GLY C 59 8.35 -24.48 -6.40
C GLY C 59 9.08 -25.56 -7.15
N ALA C 60 8.50 -26.75 -7.16
CA ALA C 60 9.10 -27.91 -7.83
C ALA C 60 8.06 -28.96 -8.10
N VAL C 61 8.26 -29.71 -9.21
CA VAL C 61 7.45 -30.84 -9.67
C VAL C 61 8.38 -32.07 -9.86
N CYS C 62 8.07 -33.18 -9.19
CA CYS C 62 8.87 -34.41 -9.24
C CYS C 62 7.98 -35.58 -9.61
N CYS C 63 8.25 -36.15 -10.78
CA CYS C 63 7.51 -37.25 -11.40
C CYS C 63 8.41 -38.46 -11.63
N ARG C 64 7.77 -39.59 -11.95
CA ARG C 64 8.43 -40.84 -12.29
C ARG C 64 7.58 -41.67 -13.23
N VAL C 65 8.24 -42.59 -13.96
CA VAL C 65 7.53 -43.50 -14.86
C VAL C 65 7.17 -44.71 -14.02
N ASP C 66 5.89 -45.02 -13.99
CA ASP C 66 5.33 -46.13 -13.26
C ASP C 66 4.83 -47.17 -14.25
N HIS C 67 5.29 -48.42 -14.08
CA HIS C 67 4.87 -49.57 -14.88
C HIS C 67 4.05 -50.47 -13.97
N SER C 68 2.73 -50.27 -13.99
CA SER C 68 1.76 -51.03 -13.19
C SER C 68 0.42 -51.18 -13.92
N GLN C 69 -0.34 -52.26 -13.60
CA GLN C 69 -1.66 -52.61 -14.15
C GLN C 69 -1.66 -52.73 -15.70
N ASN C 70 -0.54 -53.27 -16.27
CA ASN C 70 -0.27 -53.44 -17.72
C ASN C 70 -0.36 -52.09 -18.48
N GLN C 71 0.05 -51.00 -17.78
CA GLN C 71 0.01 -49.63 -18.30
C GLN C 71 1.33 -48.89 -18.09
N LYS C 72 1.61 -47.93 -18.99
CA LYS C 72 2.75 -47.02 -18.83
C LYS C 72 2.11 -45.75 -18.21
N ARG C 73 2.43 -45.45 -16.95
CA ARG C 73 1.81 -44.29 -16.28
C ARG C 73 2.82 -43.25 -15.81
N LEU C 74 2.44 -41.96 -15.88
CA LEU C 74 3.28 -40.91 -15.33
C LEU C 74 2.77 -40.66 -13.91
N TYR C 75 3.62 -40.88 -12.90
CA TYR C 75 3.27 -40.67 -11.51
C TYR C 75 3.83 -39.35 -10.98
N ILE C 76 2.95 -38.42 -10.55
CA ILE C 76 3.40 -37.16 -9.93
C ILE C 76 3.56 -37.47 -8.46
N MET C 77 4.78 -37.34 -7.96
CA MET C 77 5.05 -37.58 -6.54
C MET C 77 4.86 -36.30 -5.74
N THR C 78 5.47 -35.18 -6.20
CA THR C 78 5.38 -33.88 -5.57
C THR C 78 5.20 -32.79 -6.61
N LEU C 79 4.29 -31.86 -6.32
CA LEU C 79 4.03 -30.69 -7.17
C LEU C 79 3.53 -29.61 -6.22
N GLY C 80 4.32 -28.55 -6.09
CA GLY C 80 3.95 -27.51 -5.15
C GLY C 80 4.75 -26.25 -5.21
N CYS C 81 4.22 -25.20 -4.60
CA CYS C 81 4.97 -23.97 -4.53
C CYS C 81 4.74 -23.26 -3.18
N LEU C 82 5.68 -22.41 -2.80
CA LEU C 82 5.64 -21.68 -1.54
C LEU C 82 4.34 -20.90 -1.47
N ALA C 83 3.72 -20.93 -0.29
CA ALA C 83 2.42 -20.30 0.04
C ALA C 83 2.28 -18.83 -0.47
N PRO C 84 3.25 -17.88 -0.28
CA PRO C 84 3.01 -16.52 -0.78
C PRO C 84 2.93 -16.35 -2.31
N TYR C 85 3.31 -17.38 -3.09
CA TYR C 85 3.36 -17.36 -4.56
C TYR C 85 2.22 -18.14 -5.19
N ARG C 86 1.29 -18.66 -4.37
CA ARG C 86 0.15 -19.40 -4.87
C ARG C 86 -0.81 -18.50 -5.62
N ARG C 87 -1.61 -19.10 -6.54
CA ARG C 87 -2.60 -18.37 -7.35
C ARG C 87 -1.97 -17.34 -8.29
N LEU C 88 -0.75 -17.63 -8.73
CA LEU C 88 -0.01 -16.82 -9.69
C LEU C 88 0.21 -17.64 -10.97
N GLY C 89 -0.29 -18.88 -11.02
CA GLY C 89 -0.15 -19.74 -12.20
C GLY C 89 1.11 -20.60 -12.26
N ILE C 90 1.83 -20.73 -11.12
CA ILE C 90 3.06 -21.54 -11.00
C ILE C 90 2.73 -23.04 -11.03
N GLY C 91 1.65 -23.44 -10.35
CA GLY C 91 1.16 -24.81 -10.38
C GLY C 91 0.82 -25.24 -11.80
N THR C 92 0.12 -24.36 -12.52
CA THR C 92 -0.32 -24.49 -13.91
C THR C 92 0.88 -24.70 -14.85
N LYS C 93 1.93 -23.90 -14.67
CA LYS C 93 3.17 -23.96 -15.45
C LYS C 93 3.80 -25.34 -15.30
N MET C 94 3.92 -25.84 -14.05
CA MET C 94 4.49 -27.14 -13.73
C MET C 94 3.64 -28.30 -14.25
N LEU C 95 2.31 -28.21 -14.08
CA LEU C 95 1.41 -29.26 -14.56
C LEU C 95 1.34 -29.29 -16.10
N ASN C 96 1.29 -28.13 -16.75
CA ASN C 96 1.25 -28.06 -18.21
C ASN C 96 2.53 -28.62 -18.82
N HIS C 97 3.65 -28.53 -18.09
CA HIS C 97 4.93 -29.06 -18.53
C HIS C 97 4.87 -30.58 -18.54
N VAL C 98 4.36 -31.19 -17.46
CA VAL C 98 4.29 -32.63 -17.42
C VAL C 98 3.23 -33.15 -18.41
N LEU C 99 2.15 -32.37 -18.65
CA LEU C 99 1.13 -32.74 -19.64
C LEU C 99 1.74 -32.75 -21.06
N ASN C 100 2.55 -31.70 -21.39
CA ASN C 100 3.23 -31.53 -22.68
C ASN C 100 4.28 -32.62 -22.98
N ILE C 101 4.89 -33.20 -21.93
CA ILE C 101 5.85 -34.32 -22.05
C ILE C 101 5.09 -35.56 -22.52
N CYS C 102 3.95 -35.86 -21.87
CA CYS C 102 3.08 -36.99 -22.17
C CYS C 102 2.47 -36.88 -23.57
N GLU C 103 2.12 -35.66 -24.00
CA GLU C 103 1.52 -35.41 -25.31
C GLU C 103 2.52 -35.57 -26.46
N LYS C 104 3.79 -35.15 -26.24
CA LYS C 104 4.88 -35.24 -27.22
C LYS C 104 5.48 -36.65 -27.29
N ASP C 105 5.40 -37.42 -26.18
CA ASP C 105 5.87 -38.80 -26.09
C ASP C 105 4.81 -39.70 -26.75
N GLY C 106 3.58 -39.62 -26.26
CA GLY C 106 2.43 -40.35 -26.80
C GLY C 106 2.27 -41.81 -26.41
N THR C 107 3.18 -42.35 -25.56
CA THR C 107 3.14 -43.75 -25.13
C THR C 107 2.61 -43.93 -23.67
N PHE C 108 2.25 -42.82 -22.98
CA PHE C 108 1.67 -42.93 -21.62
C PHE C 108 0.18 -43.25 -21.70
N ASP C 109 -0.29 -44.15 -20.82
CA ASP C 109 -1.69 -44.57 -20.72
C ASP C 109 -2.52 -43.52 -19.95
N ASN C 110 -1.96 -43.05 -18.81
CA ASN C 110 -2.57 -42.08 -17.90
C ASN C 110 -1.53 -41.39 -17.02
N ILE C 111 -1.95 -40.31 -16.35
CA ILE C 111 -1.15 -39.57 -15.38
C ILE C 111 -1.91 -39.63 -14.07
N TYR C 112 -1.21 -39.96 -12.97
CA TYR C 112 -1.88 -40.10 -11.70
C TYR C 112 -1.00 -39.63 -10.52
N LEU C 113 -1.64 -39.47 -9.34
CA LEU C 113 -0.99 -38.96 -8.13
C LEU C 113 -1.83 -39.22 -6.88
N HIS C 114 -1.24 -39.03 -5.70
CA HIS C 114 -1.90 -39.12 -4.39
C HIS C 114 -2.11 -37.71 -3.83
N VAL C 115 -3.29 -37.48 -3.23
CA VAL C 115 -3.65 -36.20 -2.60
C VAL C 115 -4.30 -36.52 -1.26
N GLN C 116 -3.66 -36.06 -0.16
CA GLN C 116 -4.20 -36.19 1.18
C GLN C 116 -5.66 -35.65 1.13
N ILE C 117 -6.65 -36.41 1.64
CA ILE C 117 -8.10 -36.08 1.51
C ILE C 117 -8.50 -34.66 1.98
N SER C 118 -7.80 -34.11 2.96
CA SER C 118 -8.07 -32.77 3.52
C SER C 118 -7.55 -31.64 2.60
N ASN C 119 -6.76 -31.96 1.56
CA ASN C 119 -6.17 -30.95 0.68
C ASN C 119 -7.11 -30.55 -0.44
N GLU C 120 -8.10 -29.74 -0.05
CA GLU C 120 -9.18 -29.24 -0.90
C GLU C 120 -8.67 -28.40 -2.05
N SER C 121 -7.68 -27.54 -1.81
CA SER C 121 -7.10 -26.73 -2.87
C SER C 121 -6.40 -27.57 -3.94
N ALA C 122 -5.71 -28.66 -3.55
CA ALA C 122 -5.05 -29.52 -4.55
C ALA C 122 -6.12 -30.32 -5.33
N ILE C 123 -7.22 -30.75 -4.66
CA ILE C 123 -8.34 -31.43 -5.32
C ILE C 123 -8.94 -30.53 -6.40
N ASP C 124 -9.23 -29.26 -6.06
CA ASP C 124 -9.74 -28.25 -6.99
C ASP C 124 -8.78 -28.01 -8.16
N PHE C 125 -7.49 -27.89 -7.83
CA PHE C 125 -6.44 -27.66 -8.82
C PHE C 125 -6.39 -28.78 -9.89
N TYR C 126 -6.24 -30.05 -9.48
CA TYR C 126 -6.15 -31.20 -10.40
C TYR C 126 -7.45 -31.45 -11.16
N ARG C 127 -8.61 -31.28 -10.50
CA ARG C 127 -9.90 -31.48 -11.15
C ARG C 127 -10.12 -30.51 -12.32
N LYS C 128 -9.59 -29.26 -12.22
CA LYS C 128 -9.67 -28.23 -13.25
C LYS C 128 -8.94 -28.68 -14.55
N PHE C 129 -7.90 -29.52 -14.41
CA PHE C 129 -7.10 -30.05 -15.54
C PHE C 129 -7.60 -31.41 -16.06
N GLY C 130 -8.75 -31.84 -15.59
CA GLY C 130 -9.38 -33.08 -16.02
C GLY C 130 -9.01 -34.32 -15.24
N PHE C 131 -8.33 -34.19 -14.08
CA PHE C 131 -8.03 -35.36 -13.25
C PHE C 131 -9.30 -35.74 -12.46
N GLU C 132 -9.51 -37.03 -12.21
CA GLU C 132 -10.68 -37.51 -11.48
C GLU C 132 -10.24 -38.36 -10.31
N ILE C 133 -10.99 -38.31 -9.18
CA ILE C 133 -10.75 -39.13 -8.00
C ILE C 133 -11.26 -40.54 -8.34
N ILE C 134 -10.35 -41.46 -8.62
CA ILE C 134 -10.70 -42.84 -9.01
C ILE C 134 -10.71 -43.80 -7.82
N GLU C 135 -10.18 -43.36 -6.66
CA GLU C 135 -10.04 -44.21 -5.48
C GLU C 135 -9.67 -43.39 -4.27
N THR C 136 -9.99 -43.89 -3.07
CA THR C 136 -9.59 -43.30 -1.79
C THR C 136 -8.85 -44.37 -0.99
N LYS C 137 -7.52 -44.24 -0.96
CA LYS C 137 -6.64 -45.17 -0.27
C LYS C 137 -6.61 -44.86 1.20
N LYS C 138 -7.11 -45.82 2.01
CA LYS C 138 -7.11 -45.68 3.47
C LYS C 138 -5.71 -45.93 4.03
N ASN C 139 -5.34 -45.10 5.01
CA ASN C 139 -4.08 -45.09 5.74
C ASN C 139 -2.83 -45.02 4.86
N TYR C 140 -2.89 -44.24 3.74
CA TYR C 140 -1.78 -44.05 2.79
C TYR C 140 -0.58 -43.40 3.51
N TYR C 141 -0.83 -42.40 4.37
CA TYR C 141 0.21 -41.75 5.20
C TYR C 141 0.29 -42.46 6.55
N LYS C 142 1.50 -42.60 7.10
CA LYS C 142 1.72 -43.33 8.35
C LYS C 142 1.94 -42.46 9.60
N ARG C 143 2.48 -41.24 9.43
CA ARG C 143 2.79 -40.34 10.56
C ARG C 143 1.97 -39.06 10.59
N ILE C 144 1.17 -38.76 9.53
CA ILE C 144 0.36 -37.53 9.46
C ILE C 144 -1.15 -37.80 9.41
N GLU C 145 -1.96 -36.80 9.82
CA GLU C 145 -3.42 -36.90 9.86
C GLU C 145 -4.14 -35.80 9.05
N PRO C 146 -5.19 -36.12 8.23
CA PRO C 146 -5.75 -37.46 7.93
C PRO C 146 -4.78 -38.32 7.10
N ALA C 147 -4.78 -39.63 7.38
CA ALA C 147 -3.90 -40.63 6.78
C ALA C 147 -4.36 -41.04 5.38
N ASP C 148 -5.66 -40.82 5.05
CA ASP C 148 -6.22 -41.20 3.77
C ASP C 148 -5.82 -40.29 2.62
N ALA C 149 -5.69 -40.88 1.44
CA ALA C 149 -5.32 -40.17 0.23
C ALA C 149 -6.19 -40.54 -0.94
N HIS C 150 -6.68 -39.54 -1.69
CA HIS C 150 -7.40 -39.77 -2.92
C HIS C 150 -6.36 -40.10 -3.99
N VAL C 151 -6.78 -40.86 -4.99
CA VAL C 151 -5.93 -41.21 -6.12
C VAL C 151 -6.57 -40.42 -7.25
N LEU C 152 -5.82 -39.50 -7.85
CA LEU C 152 -6.37 -38.71 -8.95
C LEU C 152 -5.72 -39.12 -10.21
N GLN C 153 -6.53 -39.34 -11.25
CA GLN C 153 -6.01 -39.79 -12.53
C GLN C 153 -6.60 -39.05 -13.70
N LYS C 154 -5.76 -38.77 -14.71
CA LYS C 154 -6.15 -38.15 -15.97
C LYS C 154 -5.79 -39.19 -17.05
N ASN C 155 -6.78 -39.66 -17.84
CA ASN C 155 -6.49 -40.62 -18.90
C ASN C 155 -6.03 -39.91 -20.16
N LEU C 156 -4.98 -40.45 -20.80
CA LEU C 156 -4.36 -39.89 -22.00
C LEU C 156 -4.58 -40.82 -23.19
N1A COA D . -19.02 32.27 17.33
C2A COA D . -18.03 32.48 18.19
N3A COA D . -16.76 32.06 18.12
C4A COA D . -16.55 31.34 17.01
C5A COA D . -17.50 31.04 16.05
C6A COA D . -18.79 31.53 16.24
N6A COA D . -19.82 31.27 15.32
N7A COA D . -16.96 30.27 15.06
C8A COA D . -15.71 30.11 15.41
N9A COA D . -15.39 30.75 16.58
C1B COA D . -14.13 30.63 17.32
C2B COA D . -14.29 29.73 18.52
O2B COA D . -13.49 30.11 19.63
C3B COA D . -13.88 28.38 17.96
O3B COA D . -13.42 27.47 18.95
P3B COA D . -14.53 26.50 19.65
O7A COA D . -13.66 25.50 20.37
O8A COA D . -15.30 27.43 20.58
O9A COA D . -15.36 25.94 18.51
C4B COA D . -12.75 28.75 17.04
O4B COA D . -13.12 30.02 16.50
C5B COA D . -12.45 27.70 15.98
O5B COA D . -13.61 27.20 15.30
P1A COA D . -13.46 25.96 14.26
O1A COA D . -14.48 24.88 14.57
O2A COA D . -12.04 25.61 13.97
O3A COA D . -13.94 26.82 12.97
P2A COA D . -14.95 26.51 11.74
O4A COA D . -14.59 25.20 11.11
O5A COA D . -16.36 26.69 12.27
O6A COA D . -14.40 27.69 10.76
CBP COA D . -14.98 29.77 9.68
CCP COA D . -14.58 29.09 10.99
CDP COA D . -14.93 31.26 9.90
CEP COA D . -13.93 29.44 8.62
CAP COA D . -16.40 29.30 9.30
OAP COA D . -17.40 29.86 10.13
C9P COA D . -16.83 29.48 7.87
O9P COA D . -16.68 28.59 7.06
N8P COA D . -17.45 30.67 7.54
C7P COA D . -17.57 31.11 6.17
C6P COA D . -16.20 31.44 5.59
C5P COA D . -15.85 32.83 5.97
O5P COA D . -16.75 33.60 6.22
N4P COA D . -14.50 33.18 5.97
C3P COA D . -14.15 34.52 5.52
C2P COA D . -12.68 34.82 5.59
S1P COA D . -11.88 34.01 4.18
C19 U2J E . -14.91 39.60 -5.24
C21 U2J E . -14.58 41.85 -4.52
C18 U2J E . -13.59 39.31 -4.96
C22 U2J E . -13.27 41.57 -4.23
C7 U2J E . -8.37 36.79 -6.18
C20 U2J E . -15.41 40.87 -5.02
C17 U2J E . -12.80 40.30 -4.45
C6 U2J E . -7.42 37.62 -5.64
C23 U2J E . -16.83 41.15 -5.32
C5 U2J E . -9.02 38.00 -4.20
C13 U2J E . -15.18 36.07 0.97
C14 U2J E . -14.91 37.42 2.99
C16 U2J E . -11.39 40.00 -4.15
C8 U2J E . -6.09 37.79 -6.21
C10 U2J E . -12.53 37.65 0.74
C12 U2J E . -13.78 35.56 1.24
C4 U2J E . -9.83 37.58 -1.88
C2 U2J E . -11.96 38.51 -2.20
C1 U2J E . -9.74 38.56 -3.03
C11 U2J E . -12.86 36.63 1.80
C3 U2J E . -10.99 38.15 -1.10
C15 U2J E . -16.92 37.63 1.65
C9 U2J E . -4.12 39.29 -6.16
N10 U2J E . -17.48 42.26 -4.90
N2 U2J E . -7.79 38.31 -4.51
N7 U2J E . -17.64 40.30 -5.99
N9 U2J E . -18.75 42.07 -5.31
N8 U2J E . -18.85 40.89 -5.97
N6 U2J E . -13.53 37.28 2.89
N5 U2J E . -15.61 37.04 1.85
N1 U2J E . -11.12 38.95 -3.28
N3 U2J E . -5.46 38.93 -5.75
N4 U2J E . -11.53 37.23 -0.12
O4 U2J E . -15.82 35.65 0.03
O3 U2J E . -15.47 37.85 3.99
O5 U2J E . -10.56 40.67 -4.74
O1 U2J E . -5.62 37.00 -7.02
O2 U2J E . -13.08 38.72 0.63
S1 U2J E . -9.81 36.88 -5.23
H21 U2J E . -15.54 38.81 -5.64
H22 U2J E . -14.97 42.85 -4.34
H20 U2J E . -13.19 38.31 -5.14
H23 U2J E . -12.62 42.34 -3.82
H7 U2J E . -8.31 36.16 -7.06
H15 U2J E . -13.37 35.14 0.33
H14 U2J E . -13.89 34.75 1.96
H5 U2J E . -10.07 36.57 -2.24
H6 U2J E . -8.92 37.55 -1.30
H3 U2J E . -12.64 39.31 -1.90
H2 U2J E . -12.53 37.64 -2.54
H1 U2J E . -9.21 39.45 -2.69
H13 U2J E . -11.93 36.19 2.16
H4 U2J E . -10.67 39.06 -0.57
H19 U2J E . -16.95 38.64 2.08
H17 U2J E . -17.67 37.01 2.15
H18 U2J E . -17.14 37.70 0.58
H9 U2J E . -3.56 39.59 -5.27
H10 U2J E . -4.19 40.13 -6.85
H11 U2J E . -3.62 38.45 -6.63
H16 U2J E . -12.97 37.55 3.69
H8 U2J E . -5.94 39.54 -5.09
H12 U2J E . -11.30 36.24 -0.18
N1A COA F . -0.31 -14.32 6.78
C2A COA F . -1.27 -14.26 5.87
N3A COA F . -2.05 -13.22 5.56
C4A COA F . -1.74 -12.14 6.30
C5A COA F . -0.77 -12.08 7.29
C6A COA F . -0.04 -13.24 7.52
N6A COA F . 0.95 -13.28 8.50
N7A COA F . -0.74 -10.83 7.85
C8A COA F . -1.69 -10.16 7.24
N9A COA F . -2.33 -10.91 6.27
C1B COA F . -3.47 -10.51 5.48
C2B COA F . -4.75 -11.16 6.00
O2B COA F . -5.68 -11.35 4.95
C3B COA F . -5.26 -10.11 6.97
O3B COA F . -6.68 -10.23 7.17
P3B COA F . -7.22 -11.26 8.33
O7A COA F . -8.69 -10.93 8.37
O8A COA F . -6.92 -12.64 7.75
O9A COA F . -6.44 -10.91 9.58
C4B COA F . -4.96 -8.85 6.20
O4B COA F . -3.69 -9.09 5.59
C5B COA F . -4.93 -7.60 7.07
O5B COA F . -4.09 -7.74 8.20
P1A COA F . -3.98 -6.50 9.26
O1A COA F . -4.33 -6.99 10.64
O2A COA F . -4.54 -5.20 8.80
O3A COA F . -2.36 -6.32 9.14
P2A COA F . -1.26 -6.11 10.33
O4A COA F . -1.66 -5.00 11.25
O5A COA F . -0.96 -7.49 10.92
O6A COA F . -0.07 -5.56 9.37
CBP COA F . 2.00 -6.02 8.25
CCP COA F . 0.51 -6.33 8.30
CDP COA F . 2.57 -6.63 6.97
CEP COA F . 2.21 -4.52 8.18
CAP COA F . 2.64 -6.61 9.53
OAP COA F . 2.83 -8.02 9.51
C9P COA F . 3.95 -6.02 9.96
O9P COA F . 3.97 -5.05 10.71
N8P COA F . 5.05 -6.69 9.47
C7P COA F . 6.38 -6.09 9.43
C6P COA F . 6.38 -4.81 8.60
C5P COA F . 6.83 -5.10 7.20
O5P COA F . 7.79 -5.84 7.00
N4P COA F . 6.13 -4.44 6.20
C3P COA F . 6.74 -4.51 4.87
C2P COA F . 6.44 -3.40 3.89
S1P COA F . 7.04 -1.84 4.57
C19 U2J G . 18.02 0.25 3.76
C21 U2J G . 18.74 -0.61 1.64
C18 U2J G . 17.10 1.07 3.14
C22 U2J G . 17.81 0.20 1.01
C7 U2J G . 14.37 6.34 2.21
C20 U2J G . 18.86 -0.57 3.02
C17 U2J G . 17.01 1.02 1.76
C6 U2J G . 13.90 6.35 0.90
C23 U2J G . 19.84 -1.44 3.72
C5 U2J G . 13.92 4.16 1.21
C13 U2J G . 11.86 -2.68 5.47
C14 U2J G . 11.04 -4.28 3.79
C16 U2J G . 16.04 1.89 1.07
C8 U2J G . 13.69 7.57 0.17
C10 U2J G . 11.69 -1.34 2.59
C12 U2J G . 10.81 -1.72 4.94
C4 U2J G . 12.43 2.23 1.61
C2 U2J G . 14.07 0.61 1.98
C1 U2J G . 13.72 2.72 0.95
C11 U2J G . 10.56 -1.86 3.45
C3 U2J G . 12.61 0.73 1.61
C15 U2J G . 12.95 -4.83 5.16
C9 U2J G . 13.71 8.43 -2.11
N10 U2J G . 20.46 -2.48 3.14
N2 U2J G . 13.66 5.11 0.36
N7 U2J G . 20.13 -1.32 5.04
N9 U2J G . 21.17 -3.05 4.15
N8 U2J G . 20.99 -2.34 5.30
N6 U2J G . 10.45 -3.25 3.08
N5 U2J G . 11.89 -3.90 4.82
N1 U2J G . 14.70 1.81 1.49
N3 U2J G . 13.44 7.38 -1.17
N4 U2J G . 11.70 0.03 2.51
O4 U2J G . 12.60 -2.35 6.38
O3 U2J G . 10.80 -5.44 3.52
O5 U2J G . 16.46 2.63 0.20
O1 U2J G . 13.73 8.66 0.72
O2 U2J G . 12.47 -2.07 2.00
S1 U2J G . 14.49 4.71 2.73
H21 U2J G . 18.10 0.28 4.83
H22 U2J G . 19.37 -1.25 1.04
H20 U2J G . 16.46 1.72 3.71
H23 U2J G . 17.72 0.18 -0.06
H7 U2J G . 14.63 7.18 2.83
H15 U2J G . 11.11 -0.70 5.17
H14 U2J G . 9.89 -1.93 5.49
H5 U2J G . 12.35 2.60 2.63
H6 U2J G . 11.55 2.53 1.05
H3 U2J G . 14.54 -0.27 1.52
H2 U2J G . 14.21 0.56 3.07
H1 U2J G . 13.66 2.55 -0.13
H13 U2J G . 9.64 -1.35 3.15
H4 U2J G . 12.45 0.33 0.60
H19 U2J G . 13.35 -5.30 4.25
H17 U2J G . 12.53 -5.61 5.80
H18 U2J G . 13.78 -4.34 5.68
H9 U2J G . 13.13 9.31 -1.83
H10 U2J G . 13.42 8.10 -3.12
H11 U2J G . 14.76 8.71 -2.09
H16 U2J G . 9.78 -3.49 2.35
H8 U2J G . 13.14 6.47 -1.51
H12 U2J G . 11.14 0.58 3.15
N1A COA H . -8.84 -23.10 -4.09
C2A COA H . -9.56 -23.36 -5.19
N3A COA H . -9.11 -23.58 -6.44
C4A COA H . -7.77 -23.51 -6.48
C5A COA H . -6.93 -23.24 -5.42
C6A COA H . -7.50 -23.02 -4.19
N6A COA H . -6.74 -22.72 -3.05
N7A COA H . -5.63 -23.22 -5.85
C8A COA H . -5.68 -23.49 -7.13
N9A COA H . -6.96 -23.69 -7.57
C1B COA H . -7.36 -23.89 -8.97
C2B COA H . -8.00 -22.64 -9.57
O2B COA H . -8.98 -22.95 -10.55
C3B COA H . -6.79 -21.94 -10.17
O3B COA H . -7.20 -21.06 -11.21
P3B COA H . -7.27 -19.48 -10.83
O7A COA H . -7.10 -18.84 -12.19
O8A COA H . -8.65 -19.35 -10.21
O9A COA H . -6.12 -19.19 -9.86
C4B COA H . -6.03 -23.10 -10.73
O4B COA H . -6.18 -24.12 -9.75
C5B COA H . -4.56 -22.78 -11.03
O5B COA H . -3.88 -22.33 -9.86
P1A COA H . -2.29 -21.95 -9.97
O1A COA H . -2.13 -20.50 -9.61
O2A COA H . -1.68 -22.48 -11.24
O3A COA H . -1.77 -22.96 -8.82
P2A COA H . -0.79 -22.73 -7.56
O4A COA H . 0.56 -22.23 -8.05
O5A COA H . -1.60 -21.92 -6.59
O6A COA H . -0.53 -24.28 -7.12
CBP COA H . -1.03 -26.12 -5.71
CCP COA H . -1.59 -25.16 -6.76
CDP COA H . -2.06 -27.16 -5.34
CEP COA H . 0.14 -26.86 -6.38
CAP COA H . -0.63 -25.29 -4.47
OAP COA H . -1.73 -24.95 -3.65
C9P COA H . 0.42 -25.90 -3.58
O9P COA H . 1.61 -25.72 -3.82
N8P COA H . -0.09 -26.61 -2.51
C7P COA H . 0.73 -27.55 -1.76
C6P COA H . 1.17 -28.71 -2.64
C5P COA H . 0.20 -29.83 -2.53
O5P COA H . -0.40 -29.97 -1.48
N4P COA H . 0.08 -30.67 -3.64
C3P COA H . -0.24 -32.08 -3.39
C2P COA H . -0.26 -32.99 -4.60
S1P COA H . 1.48 -33.26 -5.06
C19 U2J I . 5.56 -40.36 2.66
C21 U2J I . 3.83 -41.99 2.88
C18 U2J I . 5.66 -40.63 1.31
C22 U2J I . 3.91 -42.26 1.54
C7 U2J I . 8.63 -41.96 -3.83
C20 U2J I . 4.65 -41.04 3.45
C17 U2J I . 4.82 -41.57 0.77
C6 U2J I . 7.74 -42.71 -4.58
C23 U2J I . 4.55 -40.72 4.90
C5 U2J I . 6.28 -41.53 -3.44
C13 U2J I . 2.46 -34.88 -0.32
C14 U2J I . 0.05 -35.10 -0.85
C16 U2J I . 4.89 -41.88 -0.67
C8 U2J I . 8.17 -43.69 -5.55
C10 U2J I . 2.01 -37.39 -2.06
C12 U2J I . 2.69 -34.96 -1.81
C4 U2J I . 4.57 -39.71 -3.57
C2 U2J I . 3.91 -39.70 -1.33
C1 U2J I . 4.97 -41.03 -2.95
C11 U2J I . 1.74 -35.95 -2.47
C3 U2J I . 3.39 -39.34 -2.70
C15 U2J I . 0.79 -34.74 1.44
C9 U2J I . 7.38 -45.55 -6.93
N10 U2J I . 3.52 -41.11 5.67
N2 U2J I . 6.41 -42.45 -4.36
N7 U2J I . 5.45 -39.98 5.57
N9 U2J I . 3.79 -40.58 6.90
N8 U2J I . 4.96 -39.91 6.83
N6 U2J I . 0.38 -35.64 -2.06
N5 U2J I . 1.12 -34.93 0.04
N1 U2J I . 4.85 -40.79 -1.54
N3 U2J I . 7.15 -44.53 -5.95
N4 U2J I . 3.01 -37.95 -2.83
O4 U2J I . 3.40 -34.76 0.45
O3 U2J I . -1.11 -34.79 -0.62
O5 U2J I . 4.97 -43.05 -1.00
O1 U2J I . 9.31 -43.76 -5.95
O2 U2J I . 1.42 -37.98 -1.17
S1 U2J I . 7.74 -40.91 -2.79
H21 U2J I . 6.22 -39.60 3.09
H22 U2J I . 3.11 -42.53 3.49
H20 U2J I . 6.37 -40.10 0.69
H23 U2J I . 3.26 -43.01 1.09
H7 U2J I . 9.70 -41.99 -3.84
H15 U2J I . 3.71 -35.25 -2.00
H14 U2J I . 2.53 -33.96 -2.22
H5 U2J I . 5.37 -38.97 -3.49
H6 U2J I . 4.27 -39.82 -4.61
H3 U2J I . 3.09 -40.03 -0.69
H2 U2J I . 4.43 -38.87 -0.86
H1 U2J I . 4.21 -41.77 -3.21
H13 U2J I . 1.78 -35.88 -3.56
H4 U2J I . 2.52 -39.96 -2.95
H19 U2J I . -0.09 -35.33 1.70
H17 U2J I . 0.59 -33.68 1.60
H18 U2J I . 1.63 -35.05 2.08
H9 U2J I . 6.43 -45.98 -7.24
H10 U2J I . 8.06 -46.31 -6.53
H11 U2J I . 7.86 -45.08 -7.78
H16 U2J I . -0.35 -35.73 -2.76
H8 U2J I . 6.19 -44.34 -5.66
H12 U2J I . 3.61 -37.34 -3.37
#